data_4FEJ
#
_entry.id   4FEJ
#
_cell.length_a   132.694
_cell.length_b   35.230
_cell.length_c   41.895
_cell.angle_alpha   90.00
_cell.angle_beta   90.60
_cell.angle_gamma   90.00
#
_symmetry.space_group_name_H-M   'C 1 2 1'
#
loop_
_entity.id
_entity.type
_entity.pdbx_description
1 polymer 'A24U mutant of the B. subtilis xpt-pbuX guanine riboswitch aptamer domain'
2 non-polymer HYPOXANTHINE
3 non-polymer 'ACETATE ION'
4 non-polymer 'COBALT HEXAMMINE(III)'
5 water water
#
_entity_poly.entity_id   1
_entity_poly.type   'polyribonucleotide'
_entity_poly.pdbx_seq_one_letter_code
;GGACAUAUAUUCGCGUGGAUAUGGCACGCAAGUUUCUACCGGGCACCGUAAAUGUCCGACUAUGUCC
;
_entity_poly.pdbx_strand_id   B
#